data_6H37
#
_entry.id   6H37
#
_cell.length_a   66.040
_cell.length_b   88.640
_cell.length_c   44.110
_cell.angle_alpha   90.00
_cell.angle_beta   90.00
_cell.angle_gamma   90.00
#
_symmetry.space_group_name_H-M   'P 21 21 2'
#
loop_
_entity.id
_entity.type
_entity.pdbx_description
1 polymer 'Carbonic anhydrase 7'
2 non-polymer 'ZINC ION'
3 non-polymer 4-(4-oxidanyl-4-phenyl-piperidin-1-yl)carbonylbenzenesulfonamide
4 water water
#
_entity_poly.entity_id   1
_entity_poly.type   'polypeptide(L)'
_entity_poly.pdbx_seq_one_letter_code
;MGMTGHHGWGYGQDDGPSHWHKLYPIAQGDRQSPINIISSQAVYSPSLQPLELSYEACMSLSITNNGHSVQVDFNDSDDR
TVVTGGPLEGPYRLKQFHFHWGKKHDVGSEHTVDGKSFPSELHLVHWNAKKYSTFGEAASAPDGLAVVGVFLETGDEHPS
MNRLTDALYMVRFKGTKAQFSCFNPKSLLPASRHYWTYPGSLTTPPLSESVTWIVLREPISISERQMGKFRSLLFTSEDD
ERIHMVNNFRPPQPLKGRVVKASFRALEHHHHHH
;
_entity_poly.pdbx_strand_id   A
#
loop_
_chem_comp.id
_chem_comp.type
_chem_comp.name
_chem_comp.formula
FKQ non-polymer 4-(4-oxidanyl-4-phenyl-piperidin-1-yl)carbonylbenzenesulfonamide 'C18 H20 N2 O4 S'
ZN non-polymer 'ZINC ION' 'Zn 2'
#
# COMPACT_ATOMS: atom_id res chain seq x y z
N TRP A 9 -6.88 10.93 13.82
CA TRP A 9 -6.26 11.39 12.54
C TRP A 9 -7.11 10.97 11.36
N GLY A 10 -6.89 11.62 10.23
CA GLY A 10 -7.64 11.31 9.04
C GLY A 10 -6.99 11.93 7.82
N TYR A 11 -7.79 12.20 6.80
CA TYR A 11 -7.32 12.80 5.57
C TYR A 11 -8.11 14.05 5.22
N GLY A 12 -8.75 14.63 6.22
CA GLY A 12 -9.53 15.83 6.01
C GLY A 12 -8.72 17.11 6.17
N GLN A 13 -9.39 18.26 6.06
CA GLN A 13 -8.73 19.56 6.19
C GLN A 13 -8.22 19.83 7.60
N ASP A 14 -8.86 19.24 8.58
CA ASP A 14 -8.46 19.46 9.97
C ASP A 14 -7.51 18.41 10.57
N ASP A 15 -7.63 17.17 10.13
CA ASP A 15 -6.81 16.08 10.66
C ASP A 15 -5.89 15.39 9.65
N GLY A 16 -5.72 16.03 8.48
CA GLY A 16 -4.88 15.48 7.43
C GLY A 16 -3.39 15.33 7.70
N PRO A 17 -2.66 14.68 6.77
CA PRO A 17 -1.22 14.43 6.85
C PRO A 17 -0.34 15.62 7.29
N SER A 18 -0.67 16.82 6.83
N SER A 18 -0.68 16.81 6.84
CA SER A 18 0.13 17.98 7.20
CA SER A 18 0.12 17.99 7.19
C SER A 18 0.09 18.26 8.69
C SER A 18 0.11 18.25 8.69
N HIS A 19 -0.86 17.69 9.40
CA HIS A 19 -1.00 17.89 10.84
C HIS A 19 -0.64 16.70 11.72
N TRP A 20 -0.36 15.56 11.11
CA TRP A 20 -0.04 14.37 11.90
C TRP A 20 1.14 14.54 12.83
N HIS A 21 2.12 15.33 12.44
CA HIS A 21 3.30 15.53 13.28
C HIS A 21 2.92 16.10 14.65
N LYS A 22 1.75 16.72 14.72
CA LYS A 22 1.30 17.30 15.98
C LYS A 22 0.86 16.24 16.98
N LEU A 23 0.63 15.02 16.50
CA LEU A 23 0.21 13.91 17.36
C LEU A 23 1.26 12.80 17.42
N TYR A 24 1.99 12.62 16.31
CA TYR A 24 3.03 11.60 16.19
C TYR A 24 4.31 12.26 15.70
N PRO A 25 5.15 12.71 16.63
CA PRO A 25 6.41 13.39 16.27
C PRO A 25 7.34 12.64 15.32
N ILE A 26 7.22 11.31 15.27
CA ILE A 26 8.08 10.54 14.40
C ILE A 26 7.76 10.86 12.93
N ALA A 27 6.71 11.64 12.72
CA ALA A 27 6.31 12.04 11.37
C ALA A 27 7.42 12.86 10.74
N GLN A 28 8.32 13.38 11.58
CA GLN A 28 9.44 14.19 11.12
C GLN A 28 10.75 13.41 11.23
N GLY A 29 10.65 12.08 11.29
CA GLY A 29 11.84 11.25 11.42
C GLY A 29 12.77 11.19 10.22
N ASP A 30 13.80 10.34 10.32
CA ASP A 30 14.80 10.20 9.25
C ASP A 30 14.50 9.13 8.19
N ARG A 31 13.46 8.33 8.37
CA ARG A 31 13.11 7.33 7.35
C ARG A 31 11.60 7.21 7.18
N GLN A 32 10.99 8.35 6.85
CA GLN A 32 9.55 8.42 6.65
C GLN A 32 9.15 8.13 5.21
N SER A 33 7.94 7.62 5.03
CA SER A 33 7.39 7.27 3.74
C SER A 33 6.05 7.96 3.58
N PRO A 34 5.59 8.17 2.34
CA PRO A 34 6.25 7.81 1.07
C PRO A 34 7.35 8.80 0.66
N ILE A 35 7.91 8.58 -0.53
CA ILE A 35 8.96 9.45 -1.07
C ILE A 35 8.78 9.65 -2.58
N ASN A 36 9.47 10.66 -3.11
CA ASN A 36 9.45 10.90 -4.54
C ASN A 36 10.66 10.13 -5.06
N ILE A 37 10.41 9.15 -5.92
CA ILE A 37 11.50 8.35 -6.44
C ILE A 37 12.06 9.04 -7.67
N ILE A 38 13.32 9.44 -7.58
CA ILE A 38 14.02 10.08 -8.69
C ILE A 38 14.75 8.92 -9.35
N SER A 39 14.19 8.43 -10.45
CA SER A 39 14.76 7.29 -11.16
C SER A 39 16.25 7.37 -11.44
N SER A 40 16.73 8.54 -11.82
CA SER A 40 18.13 8.71 -12.15
C SER A 40 19.05 8.57 -10.94
N GLN A 41 18.52 8.85 -9.75
CA GLN A 41 19.29 8.77 -8.52
C GLN A 41 19.27 7.38 -7.89
N ALA A 42 18.36 6.53 -8.37
CA ALA A 42 18.27 5.18 -7.85
C ALA A 42 19.55 4.43 -8.19
N VAL A 43 20.05 3.68 -7.22
CA VAL A 43 21.28 2.90 -7.40
C VAL A 43 20.97 1.49 -7.88
N TYR A 44 21.45 1.15 -9.08
CA TYR A 44 21.24 -0.18 -9.62
C TYR A 44 21.98 -1.15 -8.71
N SER A 45 21.26 -2.14 -8.18
CA SER A 45 21.87 -3.11 -7.27
C SER A 45 21.64 -4.54 -7.71
N PRO A 46 22.55 -5.06 -8.57
CA PRO A 46 22.45 -6.43 -9.08
C PRO A 46 22.62 -7.51 -8.01
N SER A 47 23.17 -7.13 -6.86
CA SER A 47 23.38 -8.06 -5.76
C SER A 47 22.08 -8.59 -5.18
N LEU A 48 21.03 -7.78 -5.23
CA LEU A 48 19.72 -8.15 -4.71
C LEU A 48 19.17 -9.40 -5.39
N GLN A 49 18.65 -10.33 -4.61
CA GLN A 49 18.09 -11.56 -5.17
C GLN A 49 16.75 -11.27 -5.82
N PRO A 50 16.24 -12.21 -6.65
CA PRO A 50 14.96 -12.03 -7.33
C PRO A 50 13.79 -11.89 -6.35
N LEU A 51 12.93 -10.91 -6.62
CA LEU A 51 11.76 -10.69 -5.77
C LEU A 51 10.70 -11.71 -6.13
N GLU A 52 10.25 -12.48 -5.13
CA GLU A 52 9.22 -13.47 -5.40
C GLU A 52 8.01 -13.30 -4.49
N LEU A 53 6.85 -13.20 -5.13
CA LEU A 53 5.59 -13.07 -4.42
C LEU A 53 4.86 -14.39 -4.60
N SER A 54 4.94 -15.25 -3.58
CA SER A 54 4.33 -16.56 -3.62
C SER A 54 3.01 -16.52 -2.89
N TYR A 55 1.94 -16.26 -3.62
CA TYR A 55 0.62 -16.16 -3.03
C TYR A 55 -0.33 -17.30 -3.37
N GLU A 56 -1.12 -17.71 -2.38
CA GLU A 56 -2.12 -18.77 -2.54
C GLU A 56 -3.40 -18.09 -3.03
N ALA A 57 -4.30 -18.86 -3.63
CA ALA A 57 -5.55 -18.30 -4.15
C ALA A 57 -6.67 -18.14 -3.13
N CYS A 58 -6.64 -18.90 -2.05
CA CYS A 58 -7.69 -18.80 -1.06
C CYS A 58 -7.18 -18.56 0.35
N MET A 59 -6.54 -17.41 0.56
CA MET A 59 -6.02 -17.05 1.87
C MET A 59 -6.72 -15.78 2.37
N SER A 60 -7.53 -15.18 1.50
CA SER A 60 -8.24 -13.96 1.86
C SER A 60 -9.42 -14.25 2.77
N LEU A 61 -9.69 -13.33 3.69
CA LEU A 61 -10.75 -13.53 4.66
C LEU A 61 -11.95 -12.60 4.46
N SER A 62 -11.67 -11.30 4.45
CA SER A 62 -12.73 -10.33 4.33
C SER A 62 -12.29 -9.01 3.69
N ILE A 63 -13.28 -8.17 3.39
CA ILE A 63 -13.02 -6.86 2.82
C ILE A 63 -13.70 -5.89 3.79
N THR A 64 -12.97 -4.87 4.20
CA THR A 64 -13.46 -3.93 5.19
C THR A 64 -13.23 -2.44 4.93
N ASN A 65 -14.25 -1.62 5.21
CA ASN A 65 -14.09 -0.17 5.07
C ASN A 65 -13.79 0.24 6.50
N ASN A 66 -12.55 0.63 6.76
CA ASN A 66 -12.13 1.00 8.10
C ASN A 66 -12.09 2.52 8.33
N GLY A 67 -12.70 3.28 7.42
CA GLY A 67 -12.70 4.73 7.58
C GLY A 67 -11.49 5.41 6.96
N HIS A 68 -10.43 4.65 6.70
CA HIS A 68 -9.22 5.22 6.12
C HIS A 68 -8.95 4.68 4.71
N SER A 69 -9.44 3.47 4.44
CA SER A 69 -9.24 2.85 3.12
C SER A 69 -10.13 1.62 3.09
N VAL A 70 -10.04 0.83 2.02
CA VAL A 70 -10.79 -0.44 1.98
C VAL A 70 -9.66 -1.48 2.06
N GLN A 71 -9.77 -2.40 3.00
CA GLN A 71 -8.72 -3.40 3.24
C GLN A 71 -9.18 -4.85 3.21
N VAL A 72 -8.38 -5.69 2.56
CA VAL A 72 -8.65 -7.12 2.45
C VAL A 72 -7.65 -7.79 3.38
N ASP A 73 -8.17 -8.52 4.38
CA ASP A 73 -7.32 -9.19 5.35
C ASP A 73 -7.10 -10.64 4.98
N PHE A 74 -5.93 -11.16 5.37
CA PHE A 74 -5.58 -12.54 5.05
C PHE A 74 -5.28 -13.41 6.25
N ASN A 75 -5.40 -14.71 6.04
CA ASN A 75 -5.06 -15.69 7.06
C ASN A 75 -3.53 -15.69 6.99
N ASP A 76 -2.87 -15.41 8.11
CA ASP A 76 -1.42 -15.37 8.14
C ASP A 76 -0.84 -16.34 9.18
N SER A 77 -1.49 -17.50 9.30
CA SER A 77 -1.09 -18.53 10.26
C SER A 77 0.21 -19.20 9.85
N ASP A 78 0.49 -19.21 8.56
CA ASP A 78 1.71 -19.83 8.06
C ASP A 78 2.31 -19.05 6.90
N ASP A 79 3.09 -19.74 6.06
CA ASP A 79 3.77 -19.12 4.92
C ASP A 79 3.16 -19.41 3.54
N ARG A 80 1.84 -19.45 3.44
CA ARG A 80 1.21 -19.72 2.16
C ARG A 80 1.08 -18.50 1.25
N THR A 81 1.26 -17.31 1.83
CA THR A 81 1.22 -16.08 1.07
C THR A 81 2.33 -15.22 1.65
N VAL A 82 3.47 -15.22 0.96
CA VAL A 82 4.62 -14.47 1.43
C VAL A 82 5.35 -13.75 0.33
N VAL A 83 6.17 -12.79 0.74
CA VAL A 83 7.01 -12.10 -0.20
C VAL A 83 8.41 -12.48 0.25
N THR A 84 9.32 -12.71 -0.69
CA THR A 84 10.67 -13.09 -0.32
C THR A 84 11.63 -12.56 -1.39
N GLY A 85 12.92 -12.56 -1.10
CA GLY A 85 13.88 -12.10 -2.07
C GLY A 85 14.07 -10.59 -2.11
N GLY A 86 14.63 -10.09 -3.21
CA GLY A 86 14.86 -8.67 -3.33
C GLY A 86 15.73 -8.23 -2.17
N PRO A 87 15.34 -7.19 -1.42
CA PRO A 87 16.14 -6.73 -0.28
C PRO A 87 15.87 -7.51 1.01
N LEU A 88 14.87 -8.39 0.96
CA LEU A 88 14.48 -9.17 2.15
C LEU A 88 15.39 -10.36 2.42
N GLU A 89 15.77 -10.51 3.69
CA GLU A 89 16.66 -11.59 4.08
C GLU A 89 15.92 -12.89 4.34
N GLY A 90 14.59 -12.79 4.45
CA GLY A 90 13.78 -13.96 4.68
C GLY A 90 12.35 -13.68 4.25
N PRO A 91 11.42 -14.63 4.42
CA PRO A 91 10.02 -14.46 4.03
C PRO A 91 9.20 -13.63 5.02
N TYR A 92 8.30 -12.83 4.46
CA TYR A 92 7.38 -11.99 5.23
C TYR A 92 5.96 -12.42 4.82
N ARG A 93 5.10 -12.69 5.80
CA ARG A 93 3.74 -13.14 5.54
C ARG A 93 2.79 -12.00 5.24
N LEU A 94 1.96 -12.16 4.23
CA LEU A 94 0.98 -11.13 3.86
C LEU A 94 -0.12 -11.04 4.90
N LYS A 95 -0.31 -9.86 5.47
CA LYS A 95 -1.35 -9.67 6.47
C LYS A 95 -2.59 -9.07 5.84
N GLN A 96 -2.39 -8.12 4.94
CA GLN A 96 -3.49 -7.42 4.32
C GLN A 96 -3.06 -6.55 3.16
N PHE A 97 -4.02 -6.10 2.35
CA PHE A 97 -3.73 -5.15 1.30
C PHE A 97 -4.84 -4.11 1.31
N HIS A 98 -4.49 -2.89 0.92
CA HIS A 98 -5.44 -1.78 0.89
C HIS A 98 -4.97 -0.83 -0.21
N PHE A 99 -5.69 0.28 -0.38
CA PHE A 99 -5.36 1.24 -1.42
C PHE A 99 -5.39 2.69 -0.95
N HIS A 100 -4.79 3.55 -1.77
CA HIS A 100 -4.77 5.00 -1.53
C HIS A 100 -5.14 5.58 -2.88
N TRP A 101 -6.08 6.51 -2.92
CA TRP A 101 -6.47 7.09 -4.20
C TRP A 101 -6.86 8.56 -4.12
N GLY A 102 -6.98 9.19 -5.29
CA GLY A 102 -7.31 10.59 -5.33
C GLY A 102 -8.70 10.87 -5.87
N LYS A 103 -8.95 12.12 -6.22
CA LYS A 103 -10.25 12.51 -6.75
C LYS A 103 -10.15 12.73 -8.25
N LYS A 104 -8.92 12.67 -8.76
CA LYS A 104 -8.66 12.86 -10.19
C LYS A 104 -7.45 12.03 -10.58
N HIS A 105 -7.26 11.82 -11.88
CA HIS A 105 -6.14 11.03 -12.37
C HIS A 105 -4.75 11.52 -11.98
N ASP A 106 -4.57 12.82 -11.89
CA ASP A 106 -3.27 13.37 -11.56
C ASP A 106 -2.86 13.22 -10.09
N VAL A 107 -3.75 12.74 -9.23
CA VAL A 107 -3.42 12.55 -7.81
C VAL A 107 -4.04 11.31 -7.17
N GLY A 108 -3.34 10.77 -6.18
CA GLY A 108 -3.86 9.61 -5.49
C GLY A 108 -2.79 8.67 -4.93
N SER A 109 -1.69 8.48 -5.66
CA SER A 109 -0.65 7.58 -5.15
C SER A 109 0.11 8.26 -4.02
N GLU A 110 0.79 7.48 -3.18
CA GLU A 110 1.56 8.04 -2.09
C GLU A 110 2.98 8.25 -2.62
N HIS A 111 3.58 7.21 -3.16
CA HIS A 111 4.91 7.39 -3.73
C HIS A 111 4.69 8.10 -5.07
N THR A 112 5.72 8.77 -5.55
CA THR A 112 5.66 9.44 -6.85
C THR A 112 6.97 9.08 -7.52
N VAL A 113 6.99 9.16 -8.84
CA VAL A 113 8.20 8.82 -9.59
C VAL A 113 8.52 10.03 -10.45
N ASP A 114 9.69 10.60 -10.21
CA ASP A 114 10.13 11.79 -10.94
C ASP A 114 9.05 12.85 -10.89
N GLY A 115 8.42 12.98 -9.72
CA GLY A 115 7.38 13.97 -9.52
C GLY A 115 5.99 13.61 -10.02
N LYS A 116 5.87 12.44 -10.64
CA LYS A 116 4.59 12.00 -11.18
C LYS A 116 3.79 11.12 -10.23
N SER A 117 2.51 11.48 -10.06
CA SER A 117 1.62 10.71 -9.20
C SER A 117 0.75 9.84 -10.10
N PHE A 118 0.23 8.76 -9.53
CA PHE A 118 -0.69 7.89 -10.27
C PHE A 118 -2.03 8.09 -9.56
N PRO A 119 -3.14 7.70 -10.20
CA PRO A 119 -4.45 7.88 -9.55
C PRO A 119 -4.71 7.02 -8.32
N SER A 120 -3.89 5.98 -8.14
CA SER A 120 -4.05 5.10 -6.99
C SER A 120 -2.82 4.26 -6.76
N GLU A 121 -2.66 3.79 -5.53
CA GLU A 121 -1.54 2.95 -5.15
C GLU A 121 -2.05 1.81 -4.26
N LEU A 122 -1.65 0.58 -4.60
CA LEU A 122 -2.02 -0.61 -3.85
C LEU A 122 -0.85 -0.95 -2.95
N HIS A 123 -1.16 -1.29 -1.70
CA HIS A 123 -0.14 -1.66 -0.71
C HIS A 123 -0.41 -3.07 -0.18
N LEU A 124 0.54 -3.97 -0.37
CA LEU A 124 0.45 -5.36 0.11
C LEU A 124 1.38 -5.38 1.31
N VAL A 125 0.79 -5.44 2.51
CA VAL A 125 1.50 -5.39 3.77
C VAL A 125 1.87 -6.77 4.31
N HIS A 126 3.17 -7.01 4.42
CA HIS A 126 3.69 -8.28 4.91
C HIS A 126 4.48 -8.04 6.20
N TRP A 127 4.49 -9.04 7.08
CA TRP A 127 5.26 -8.93 8.31
C TRP A 127 6.19 -10.13 8.52
N ASN A 128 7.22 -9.88 9.33
CA ASN A 128 8.26 -10.84 9.65
C ASN A 128 7.79 -11.74 10.79
N ALA A 129 6.96 -12.72 10.46
CA ALA A 129 6.42 -13.63 11.47
C ALA A 129 7.47 -14.62 11.95
N LYS A 130 8.67 -14.53 11.38
CA LYS A 130 9.75 -15.42 11.75
C LYS A 130 10.45 -14.90 13.00
N LYS A 131 10.43 -13.58 13.22
CA LYS A 131 11.07 -13.03 14.40
C LYS A 131 10.19 -12.13 15.26
N TYR A 132 8.87 -12.22 15.07
CA TYR A 132 7.94 -11.41 15.86
C TYR A 132 6.65 -12.19 16.06
N SER A 133 6.15 -12.18 17.29
CA SER A 133 4.94 -12.90 17.66
C SER A 133 3.63 -12.35 17.10
N THR A 134 3.53 -11.05 16.92
CA THR A 134 2.31 -10.49 16.37
C THR A 134 2.61 -9.48 15.29
N PHE A 135 1.62 -9.24 14.44
CA PHE A 135 1.76 -8.26 13.38
C PHE A 135 2.05 -6.94 14.09
N GLY A 136 1.31 -6.68 15.18
CA GLY A 136 1.50 -5.44 15.91
C GLY A 136 2.90 -5.29 16.46
N GLU A 137 3.47 -6.39 16.92
CA GLU A 137 4.81 -6.37 17.47
C GLU A 137 5.77 -6.03 16.33
N ALA A 138 5.59 -6.69 15.19
CA ALA A 138 6.47 -6.43 14.04
C ALA A 138 6.35 -4.98 13.54
N ALA A 139 5.14 -4.42 13.61
CA ALA A 139 4.92 -3.05 13.14
C ALA A 139 5.79 -2.00 13.84
N SER A 140 6.43 -2.37 14.94
CA SER A 140 7.27 -1.45 15.69
C SER A 140 8.78 -1.62 15.56
N ALA A 141 9.23 -2.68 14.89
CA ALA A 141 10.65 -2.95 14.72
C ALA A 141 11.14 -2.56 13.33
N PRO A 142 12.40 -2.08 13.21
CA PRO A 142 12.94 -1.67 11.90
C PRO A 142 12.88 -2.72 10.77
N ASP A 143 12.96 -3.98 11.15
CA ASP A 143 12.92 -5.07 10.17
C ASP A 143 11.59 -5.81 10.29
N GLY A 144 10.58 -5.14 10.84
CA GLY A 144 9.31 -5.82 11.03
C GLY A 144 8.38 -6.00 9.84
N LEU A 145 8.30 -4.98 8.98
CA LEU A 145 7.40 -5.04 7.84
C LEU A 145 8.05 -4.91 6.48
N ALA A 146 7.34 -5.41 5.48
CA ALA A 146 7.76 -5.30 4.10
C ALA A 146 6.48 -5.01 3.36
N VAL A 147 6.40 -3.82 2.75
CA VAL A 147 5.22 -3.49 1.99
C VAL A 147 5.57 -3.36 0.53
N VAL A 148 4.84 -4.07 -0.32
CA VAL A 148 5.03 -4.02 -1.76
C VAL A 148 4.01 -3.05 -2.28
N GLY A 149 4.48 -2.04 -3.02
CA GLY A 149 3.57 -1.05 -3.54
C GLY A 149 3.41 -1.23 -5.02
N VAL A 150 2.17 -1.10 -5.50
CA VAL A 150 1.86 -1.24 -6.91
C VAL A 150 1.06 -0.01 -7.34
N PHE A 151 1.52 0.66 -8.39
CA PHE A 151 0.82 1.82 -8.92
C PHE A 151 -0.33 1.38 -9.80
N LEU A 152 -1.44 2.08 -9.70
CA LEU A 152 -2.58 1.81 -10.56
C LEU A 152 -2.74 3.01 -11.49
N GLU A 153 -2.85 2.74 -12.78
CA GLU A 153 -3.09 3.82 -13.74
C GLU A 153 -4.48 3.52 -14.29
N THR A 154 -5.15 4.51 -14.85
CA THR A 154 -6.46 4.24 -15.40
C THR A 154 -6.32 4.05 -16.90
N GLY A 155 -7.10 3.11 -17.43
CA GLY A 155 -7.08 2.78 -18.83
C GLY A 155 -8.04 1.63 -19.08
N ASP A 156 -7.53 0.47 -19.48
CA ASP A 156 -8.40 -0.68 -19.73
C ASP A 156 -8.91 -1.33 -18.46
N GLU A 157 -10.09 -1.92 -18.55
CA GLU A 157 -10.70 -2.59 -17.41
C GLU A 157 -9.81 -3.74 -16.98
N HIS A 158 -9.74 -3.97 -15.67
CA HIS A 158 -8.93 -5.05 -15.11
C HIS A 158 -9.90 -6.16 -14.71
N PRO A 159 -9.88 -7.29 -15.43
CA PRO A 159 -10.78 -8.42 -15.15
C PRO A 159 -10.86 -8.87 -13.70
N SER A 160 -9.73 -9.25 -13.11
CA SER A 160 -9.75 -9.70 -11.72
C SER A 160 -10.21 -8.63 -10.75
N MET A 161 -9.89 -7.37 -11.06
CA MET A 161 -10.28 -6.27 -10.18
C MET A 161 -11.79 -6.19 -10.00
N ASN A 162 -12.55 -6.68 -10.98
CA ASN A 162 -14.01 -6.64 -10.84
C ASN A 162 -14.53 -7.32 -9.59
N ARG A 163 -13.92 -8.45 -9.23
CA ARG A 163 -14.29 -9.20 -8.05
C ARG A 163 -14.29 -8.27 -6.84
N LEU A 164 -13.30 -7.40 -6.79
CA LEU A 164 -13.15 -6.47 -5.68
C LEU A 164 -13.99 -5.20 -5.82
N THR A 165 -13.99 -4.60 -7.00
CA THR A 165 -14.77 -3.38 -7.15
C THR A 165 -16.27 -3.64 -7.03
N ASP A 166 -16.71 -4.85 -7.40
CA ASP A 166 -18.14 -5.22 -7.28
C ASP A 166 -18.52 -5.34 -5.80
N ALA A 167 -17.55 -5.68 -4.96
CA ALA A 167 -17.78 -5.85 -3.53
C ALA A 167 -17.83 -4.57 -2.71
N LEU A 168 -17.39 -3.46 -3.30
CA LEU A 168 -17.33 -2.18 -2.59
C LEU A 168 -18.66 -1.58 -2.09
N TYR A 169 -19.71 -1.71 -2.90
CA TYR A 169 -21.02 -1.17 -2.51
C TYR A 169 -21.40 -1.61 -1.10
N MET A 170 -21.24 -2.89 -0.80
CA MET A 170 -21.59 -3.40 0.51
C MET A 170 -20.71 -2.95 1.67
N VAL A 171 -19.61 -2.26 1.37
CA VAL A 171 -18.77 -1.75 2.45
C VAL A 171 -18.59 -0.24 2.24
N ARG A 172 -19.49 0.38 1.48
CA ARG A 172 -19.37 1.81 1.21
C ARG A 172 -19.31 2.67 2.47
N PHE A 173 -19.94 2.21 3.55
CA PHE A 173 -19.93 2.95 4.81
C PHE A 173 -18.83 2.53 5.77
N LYS A 174 -18.24 3.51 6.44
CA LYS A 174 -17.18 3.27 7.42
C LYS A 174 -17.61 2.26 8.48
N GLY A 175 -16.73 1.32 8.79
CA GLY A 175 -17.04 0.33 9.80
C GLY A 175 -17.82 -0.88 9.34
N THR A 176 -17.90 -1.08 8.03
CA THR A 176 -18.63 -2.24 7.53
C THR A 176 -17.67 -3.22 6.87
N LYS A 177 -17.94 -4.51 7.05
CA LYS A 177 -17.09 -5.54 6.46
C LYS A 177 -17.92 -6.64 5.81
N ALA A 178 -17.28 -7.38 4.91
CA ALA A 178 -17.94 -8.48 4.22
C ALA A 178 -16.94 -9.61 3.97
N GLN A 179 -17.46 -10.83 3.90
CA GLN A 179 -16.65 -12.00 3.64
C GLN A 179 -16.07 -11.80 2.25
N PHE A 180 -14.81 -12.16 2.05
CA PHE A 180 -14.15 -12.01 0.76
C PHE A 180 -13.21 -13.19 0.59
N SER A 181 -13.79 -14.32 0.22
CA SER A 181 -13.05 -15.56 0.07
C SER A 181 -12.47 -15.83 -1.31
N CYS A 182 -11.33 -16.52 -1.29
CA CYS A 182 -10.61 -16.91 -2.49
C CYS A 182 -10.29 -15.82 -3.50
N PHE A 183 -9.71 -14.73 -3.02
CA PHE A 183 -9.27 -13.68 -3.92
C PHE A 183 -7.75 -13.80 -3.86
N ASN A 184 -7.11 -14.00 -5.00
CA ASN A 184 -5.66 -14.14 -5.04
C ASN A 184 -5.02 -12.80 -5.33
N PRO A 185 -4.29 -12.24 -4.34
CA PRO A 185 -3.64 -10.94 -4.53
C PRO A 185 -2.68 -10.95 -5.73
N LYS A 186 -2.29 -12.13 -6.21
CA LYS A 186 -1.38 -12.21 -7.35
C LYS A 186 -2.09 -11.61 -8.58
N SER A 187 -3.41 -11.67 -8.57
CA SER A 187 -4.19 -11.14 -9.69
C SER A 187 -4.02 -9.61 -9.85
N LEU A 188 -3.54 -8.93 -8.81
CA LEU A 188 -3.35 -7.47 -8.90
C LEU A 188 -1.90 -7.06 -9.15
N LEU A 189 -1.06 -8.01 -9.54
CA LEU A 189 0.34 -7.71 -9.80
C LEU A 189 0.62 -7.55 -11.28
N PRO A 190 1.62 -6.72 -11.63
CA PRO A 190 1.98 -6.51 -13.04
C PRO A 190 2.82 -7.70 -13.51
N ALA A 191 3.06 -7.80 -14.82
CA ALA A 191 3.85 -8.92 -15.35
C ALA A 191 5.34 -8.80 -15.08
N SER A 192 5.75 -7.67 -14.51
CA SER A 192 7.14 -7.44 -14.19
C SER A 192 7.38 -7.46 -12.69
N ARG A 193 8.58 -7.85 -12.28
CA ARG A 193 8.90 -7.89 -10.87
C ARG A 193 10.04 -6.93 -10.54
N HIS A 194 10.31 -6.00 -11.46
CA HIS A 194 11.36 -5.00 -11.21
C HIS A 194 10.83 -4.03 -10.17
N TYR A 195 11.71 -3.52 -9.32
CA TYR A 195 11.28 -2.63 -8.26
C TYR A 195 12.36 -1.68 -7.79
N TRP A 196 11.93 -0.78 -6.92
CA TRP A 196 12.77 0.19 -6.25
C TRP A 196 12.60 -0.19 -4.78
N THR A 197 13.65 -0.08 -3.98
CA THR A 197 13.53 -0.40 -2.56
C THR A 197 14.30 0.60 -1.70
N TYR A 198 13.75 0.87 -0.52
CA TYR A 198 14.40 1.78 0.40
C TYR A 198 13.81 1.56 1.80
N PRO A 199 14.55 1.93 2.84
CA PRO A 199 14.06 1.75 4.20
C PRO A 199 13.10 2.91 4.50
N GLY A 200 11.90 2.59 4.97
CA GLY A 200 10.94 3.65 5.23
C GLY A 200 10.04 3.40 6.44
N SER A 201 8.82 3.89 6.35
CA SER A 201 7.87 3.76 7.45
C SER A 201 6.46 3.49 7.02
N LEU A 202 5.60 3.32 8.03
CA LEU A 202 4.17 3.15 7.79
C LEU A 202 3.80 4.54 7.25
N THR A 203 2.79 4.62 6.37
CA THR A 203 2.39 5.91 5.85
C THR A 203 1.13 6.44 6.56
N THR A 204 0.74 5.76 7.63
CA THR A 204 -0.38 6.19 8.46
C THR A 204 0.11 6.12 9.89
N PRO A 205 -0.49 6.88 10.80
CA PRO A 205 -0.06 6.84 12.20
C PRO A 205 -0.11 5.36 12.63
N PRO A 206 0.77 4.92 13.55
CA PRO A 206 1.82 5.64 14.26
C PRO A 206 3.06 6.07 13.47
N LEU A 207 3.08 5.79 12.16
CA LEU A 207 4.18 6.18 11.30
C LEU A 207 5.53 5.58 11.71
N SER A 208 5.51 4.42 12.37
CA SER A 208 6.75 3.75 12.81
C SER A 208 7.64 3.43 11.62
N GLU A 209 8.95 3.58 11.81
CA GLU A 209 9.90 3.34 10.73
C GLU A 209 10.34 1.88 10.74
N SER A 210 9.39 1.02 10.43
CA SER A 210 9.58 -0.42 10.46
C SER A 210 9.34 -1.09 9.12
N VAL A 211 9.29 -0.32 8.06
CA VAL A 211 8.97 -0.88 6.75
C VAL A 211 10.09 -0.91 5.71
N THR A 212 10.28 -2.06 5.08
CA THR A 212 11.22 -2.15 3.97
C THR A 212 10.27 -2.00 2.78
N TRP A 213 10.37 -0.87 2.08
CA TRP A 213 9.49 -0.63 0.95
C TRP A 213 10.03 -1.26 -0.33
N ILE A 214 9.10 -1.80 -1.12
CA ILE A 214 9.42 -2.41 -2.40
C ILE A 214 8.34 -1.90 -3.34
N VAL A 215 8.70 -0.92 -4.15
CA VAL A 215 7.75 -0.29 -5.07
C VAL A 215 7.99 -0.83 -6.47
N LEU A 216 7.00 -1.53 -7.00
CA LEU A 216 7.12 -2.09 -8.34
C LEU A 216 7.14 -1.01 -9.41
N ARG A 217 8.05 -1.21 -10.36
CA ARG A 217 8.24 -0.29 -11.47
C ARG A 217 7.02 -0.17 -12.39
N GLU A 218 6.41 -1.30 -12.69
CA GLU A 218 5.29 -1.34 -13.61
C GLU A 218 3.93 -1.22 -12.95
N PRO A 219 3.11 -0.26 -13.41
CA PRO A 219 1.79 -0.14 -12.80
C PRO A 219 0.82 -1.11 -13.45
N ILE A 220 -0.32 -1.35 -12.80
CA ILE A 220 -1.34 -2.19 -13.39
C ILE A 220 -2.39 -1.16 -13.76
N SER A 221 -3.31 -1.50 -14.64
CA SER A 221 -4.33 -0.54 -15.00
C SER A 221 -5.72 -1.07 -14.76
N ILE A 222 -6.61 -0.17 -14.39
CA ILE A 222 -7.99 -0.52 -14.16
C ILE A 222 -8.79 0.53 -14.92
N SER A 223 -10.07 0.26 -15.16
CA SER A 223 -10.90 1.22 -15.90
C SER A 223 -11.29 2.38 -15.01
N GLU A 224 -11.72 3.48 -15.63
CA GLU A 224 -12.14 4.64 -14.86
C GLU A 224 -13.40 4.26 -14.10
N ARG A 225 -14.20 3.36 -14.69
CA ARG A 225 -15.41 2.91 -14.02
C ARG A 225 -15.01 2.18 -12.74
N GLN A 226 -13.97 1.37 -12.84
CA GLN A 226 -13.48 0.64 -11.68
C GLN A 226 -12.95 1.60 -10.64
N MET A 227 -12.14 2.56 -11.07
CA MET A 227 -11.59 3.56 -10.16
C MET A 227 -12.74 4.31 -9.49
N GLY A 228 -13.79 4.59 -10.26
CA GLY A 228 -14.93 5.29 -9.69
C GLY A 228 -15.61 4.54 -8.54
N LYS A 229 -15.47 3.21 -8.50
CA LYS A 229 -16.11 2.46 -7.41
C LYS A 229 -15.41 2.76 -6.08
N PHE A 230 -14.12 3.03 -6.14
CA PHE A 230 -13.34 3.37 -4.95
C PHE A 230 -13.75 4.74 -4.44
N ARG A 231 -13.94 5.69 -5.35
CA ARG A 231 -14.33 7.04 -4.96
C ARG A 231 -15.76 7.10 -4.46
N SER A 232 -16.49 5.99 -4.59
CA SER A 232 -17.86 5.90 -4.14
C SER A 232 -17.91 5.51 -2.68
N LEU A 233 -16.79 5.03 -2.17
CA LEU A 233 -16.70 4.65 -0.77
C LEU A 233 -16.83 5.93 0.05
N LEU A 234 -17.14 5.79 1.33
CA LEU A 234 -17.32 6.94 2.21
C LEU A 234 -16.40 6.89 3.42
N PHE A 235 -15.90 8.05 3.83
CA PHE A 235 -15.06 8.20 5.00
C PHE A 235 -15.98 8.09 6.21
N THR A 236 -17.25 8.37 5.96
CA THR A 236 -18.27 8.42 6.99
C THR A 236 -19.15 7.20 7.20
N SER A 237 -19.78 7.14 8.38
CA SER A 237 -20.66 6.04 8.74
C SER A 237 -22.03 6.25 8.08
N GLU A 238 -22.85 5.22 8.13
CA GLU A 238 -24.18 5.23 7.53
C GLU A 238 -25.06 6.39 7.98
N ASP A 239 -25.10 6.66 9.28
CA ASP A 239 -25.93 7.75 9.79
C ASP A 239 -25.15 9.04 10.01
N ASP A 240 -24.47 9.50 8.95
CA ASP A 240 -23.70 10.73 9.01
C ASP A 240 -23.70 11.44 7.68
N GLU A 241 -23.27 12.70 7.69
CA GLU A 241 -23.21 13.48 6.46
C GLU A 241 -22.16 12.82 5.58
N ARG A 242 -22.59 12.31 4.44
CA ARG A 242 -21.69 11.62 3.53
C ARG A 242 -20.49 12.41 3.06
N ILE A 243 -19.32 11.84 3.33
CA ILE A 243 -18.06 12.45 2.91
C ILE A 243 -17.35 11.33 2.17
N HIS A 244 -17.21 11.47 0.86
CA HIS A 244 -16.57 10.45 0.04
C HIS A 244 -15.11 10.21 0.36
N MET A 245 -14.72 8.95 0.40
CA MET A 245 -13.34 8.56 0.67
C MET A 245 -12.47 8.83 -0.55
N VAL A 246 -11.76 9.96 -0.54
CA VAL A 246 -10.86 10.35 -1.62
C VAL A 246 -9.64 11.08 -1.03
N ASN A 247 -8.55 11.09 -1.78
CA ASN A 247 -7.30 11.72 -1.37
C ASN A 247 -6.82 11.20 -0.02
N ASN A 248 -6.99 9.89 0.20
CA ASN A 248 -6.55 9.26 1.42
C ASN A 248 -5.10 8.80 1.30
N PHE A 249 -4.23 9.76 0.93
CA PHE A 249 -2.81 9.48 0.77
C PHE A 249 -1.94 10.49 1.52
N ARG A 250 -0.75 10.06 1.91
CA ARG A 250 0.22 10.94 2.57
C ARG A 250 1.17 11.33 1.44
N PRO A 251 1.57 12.62 1.37
CA PRO A 251 2.48 13.09 0.32
C PRO A 251 3.93 12.67 0.55
N PRO A 252 4.79 12.84 -0.47
CA PRO A 252 6.20 12.44 -0.30
C PRO A 252 6.87 13.15 0.86
N GLN A 253 7.78 12.45 1.52
CA GLN A 253 8.51 12.98 2.67
C GLN A 253 10.00 13.12 2.35
N PRO A 254 10.74 13.90 3.16
CA PRO A 254 12.17 14.10 2.92
C PRO A 254 12.97 12.79 2.87
N LEU A 255 13.83 12.68 1.86
CA LEU A 255 14.65 11.48 1.68
C LEU A 255 15.70 11.35 2.79
N LYS A 256 16.22 12.48 3.26
CA LYS A 256 17.21 12.51 4.34
C LYS A 256 18.45 11.64 4.09
N GLY A 257 18.94 11.64 2.86
CA GLY A 257 20.14 10.87 2.55
C GLY A 257 19.98 9.38 2.38
N ARG A 258 18.75 8.88 2.43
CA ARG A 258 18.53 7.45 2.25
C ARG A 258 18.85 7.07 0.81
N VAL A 259 19.27 5.83 0.62
CA VAL A 259 19.61 5.33 -0.70
C VAL A 259 18.46 4.51 -1.31
N VAL A 260 18.04 4.90 -2.50
CA VAL A 260 16.97 4.16 -3.18
C VAL A 260 17.67 3.22 -4.15
N LYS A 261 17.43 1.92 -4.00
CA LYS A 261 18.04 0.93 -4.89
C LYS A 261 16.99 0.53 -5.93
N ALA A 262 17.47 0.08 -7.08
CA ALA A 262 16.61 -0.36 -8.16
C ALA A 262 17.14 -1.71 -8.64
N SER A 263 16.23 -2.59 -9.03
CA SER A 263 16.61 -3.93 -9.50
C SER A 263 16.89 -3.91 -11.00
N PHE A 264 16.70 -2.75 -11.60
CA PHE A 264 16.89 -2.59 -13.04
C PHE A 264 17.65 -1.30 -13.33
N ARG A 265 18.06 -1.15 -14.59
CA ARG A 265 18.75 0.06 -15.03
C ARG A 265 17.74 0.93 -15.76
N ALA A 266 17.62 2.18 -15.33
CA ALA A 266 16.69 3.09 -15.98
C ALA A 266 17.19 3.47 -17.37
ZN ZN B . -0.87 2.12 2.48
C3 FKQ C . 0.10 -1.19 7.74
C2 FKQ C . 0.75 -0.57 6.69
C1 FKQ C . 0.17 0.52 6.06
S1 FKQ C . 1.02 1.34 4.75
O1 FKQ C . 2.18 1.95 5.31
O2 FKQ C . 1.19 0.37 3.69
C6 FKQ C . -1.07 0.99 6.47
C5 FKQ C . -1.71 0.36 7.54
C4 FKQ C . -1.13 -0.72 8.18
C7 FKQ C . -1.84 -1.41 9.31
O3 FKQ C . -1.80 -2.63 9.39
N2 FKQ C . -2.55 -0.66 10.17
C12 FKQ C . -2.14 0.70 10.51
C11 FKQ C . -1.22 0.71 11.73
C8 FKQ C . -3.23 -1.31 11.30
C9 FKQ C . -2.34 -1.34 12.53
C10 FKQ C . -1.90 0.06 12.93
O4 FKQ C . -3.08 0.81 13.22
C13 FKQ C . -0.97 0.03 14.15
C14 FKQ C . 0.25 -0.61 14.09
C15 FKQ C . 1.10 -0.63 15.20
C16 FKQ C . 0.72 -0.01 16.37
C17 FKQ C . -0.50 0.63 16.44
C18 FKQ C . -1.34 0.65 15.34
N1 FKQ C . 0.08 2.51 4.18
#